data_9GRV
#
_entry.id   9GRV
#
_cell.length_a   41.651
_cell.length_b   41.928
_cell.length_c   157.658
_cell.angle_alpha   90.00
_cell.angle_beta   90.00
_cell.angle_gamma   90.00
#
_symmetry.space_group_name_H-M   'P 21 21 21'
#
loop_
_entity.id
_entity.type
_entity.pdbx_description
1 polymer 'Hepatoma-derived growth factor-related protein 2'
2 non-polymer 5-bromanylpyrimidine
3 non-polymer 'SULFATE ION'
4 non-polymer 'DIMETHYL SULFOXIDE'
5 water water
#
_entity_poly.entity_id   1
_entity_poly.type   'polypeptide(L)'
_entity_poly.pdbx_seq_one_letter_code
;GMPHAFKPGDLVFAKMKGYPHWPARIDDIADGAVKPPPNKYPIFFFGTHETAFLGPKDLFPYDKCKDKYGKPNKRKGFNE
GLWEIQNNPHASYS
;
_entity_poly.pdbx_strand_id   A,B,C
#
loop_
_chem_comp.id
_chem_comp.type
_chem_comp.name
_chem_comp.formula
DMS non-polymer 'DIMETHYL SULFOXIDE' 'C2 H6 O S'
HHN non-polymer 5-bromanylpyrimidine 'C4 H3 Br N2'
SO4 non-polymer 'SULFATE ION' 'O4 S -2'
#
# COMPACT_ATOMS: atom_id res chain seq x y z
N MET A 2 -3.07 1.63 -28.36
CA MET A 2 -3.34 3.04 -28.12
C MET A 2 -3.55 3.33 -26.64
N PRO A 3 -2.86 4.33 -26.11
CA PRO A 3 -2.90 4.57 -24.67
C PRO A 3 -4.18 5.27 -24.24
N HIS A 4 -4.58 4.98 -23.01
CA HIS A 4 -5.72 5.62 -22.39
C HIS A 4 -5.21 6.64 -21.39
N ALA A 5 -6.14 7.38 -20.77
CA ALA A 5 -5.75 8.21 -19.65
C ALA A 5 -5.34 7.33 -18.47
N PHE A 6 -4.53 7.93 -17.59
CA PHE A 6 -4.14 7.24 -16.36
C PHE A 6 -5.36 6.98 -15.48
N LYS A 7 -5.30 5.88 -14.74
CA LYS A 7 -6.39 5.45 -13.88
C LYS A 7 -5.82 4.84 -12.62
N PRO A 8 -6.58 4.81 -11.53
CA PRO A 8 -6.09 4.16 -10.31
C PRO A 8 -5.66 2.73 -10.57
N GLY A 9 -4.52 2.37 -9.98
CA GLY A 9 -3.92 1.07 -10.16
C GLY A 9 -2.81 1.02 -11.20
N ASP A 10 -2.73 2.02 -12.07
CA ASP A 10 -1.64 2.05 -13.06
C ASP A 10 -0.29 2.14 -12.36
N LEU A 11 0.68 1.38 -12.86
CA LEU A 11 2.02 1.34 -12.27
C LEU A 11 2.97 2.19 -13.09
N VAL A 12 3.74 3.05 -12.42
CA VAL A 12 4.56 4.05 -13.08
C VAL A 12 5.93 4.13 -12.42
N PHE A 13 6.84 4.82 -13.10
CA PHE A 13 7.91 5.55 -12.43
C PHE A 13 7.49 7.01 -12.41
N ALA A 14 7.52 7.63 -11.23
CA ALA A 14 7.10 9.00 -11.06
C ALA A 14 8.33 9.85 -10.74
N LYS A 15 8.45 10.99 -11.41
CA LYS A 15 9.64 11.82 -11.30
C LYS A 15 9.36 13.06 -10.48
N MET A 16 10.19 13.31 -9.47
CA MET A 16 10.14 14.54 -8.70
C MET A 16 11.53 15.14 -8.64
N LYS A 17 11.57 16.47 -8.49
CA LYS A 17 12.84 17.19 -8.37
C LYS A 17 13.69 16.58 -7.28
N GLY A 18 14.99 16.40 -7.57
CA GLY A 18 15.93 15.90 -6.61
C GLY A 18 15.86 14.41 -6.33
N TYR A 19 14.98 13.68 -7.01
CA TYR A 19 14.84 12.24 -6.83
C TYR A 19 14.97 11.53 -8.16
N PRO A 20 15.51 10.31 -8.17
CA PRO A 20 15.45 9.50 -9.38
C PRO A 20 14.02 9.09 -9.66
N HIS A 21 13.75 8.77 -10.93
CA HIS A 21 12.46 8.19 -11.30
C HIS A 21 12.12 7.05 -10.36
N TRP A 22 10.95 7.11 -9.72
CA TRP A 22 10.67 6.32 -8.53
C TRP A 22 9.49 5.38 -8.76
N PRO A 23 9.60 4.10 -8.40
CA PRO A 23 8.46 3.18 -8.58
C PRO A 23 7.25 3.65 -7.78
N ALA A 24 6.09 3.70 -8.45
CA ALA A 24 4.90 4.27 -7.82
C ALA A 24 3.64 3.72 -8.49
N ARG A 25 2.49 4.07 -7.92
CA ARG A 25 1.21 3.73 -8.53
C ARG A 25 0.27 4.93 -8.46
N ILE A 26 -0.69 4.96 -9.38
CA ILE A 26 -1.82 5.88 -9.25
C ILE A 26 -2.72 5.32 -8.16
N ASP A 27 -2.87 6.08 -7.07
CA ASP A 27 -3.69 5.61 -5.96
C ASP A 27 -5.17 5.89 -6.22
N ASP A 28 -6.02 5.14 -5.54
CA ASP A 28 -7.40 5.57 -5.43
C ASP A 28 -7.49 6.69 -4.39
N ILE A 29 -8.67 7.29 -4.32
CA ILE A 29 -8.99 8.26 -3.27
C ILE A 29 -10.06 7.61 -2.40
N ALA A 30 -9.77 7.50 -1.10
CA ALA A 30 -10.73 6.90 -0.20
C ALA A 30 -11.93 7.83 0.00
N ASP A 31 -13.09 7.22 0.28
CA ASP A 31 -14.24 7.99 0.71
C ASP A 31 -13.83 8.91 1.86
N GLY A 32 -14.16 10.18 1.74
CA GLY A 32 -13.86 11.15 2.77
C GLY A 32 -12.43 11.63 2.83
N ALA A 33 -11.57 11.20 1.92
CA ALA A 33 -10.18 11.61 1.94
C ALA A 33 -9.97 12.85 1.05
N VAL A 34 -8.84 13.52 1.28
CA VAL A 34 -8.52 14.72 0.51
C VAL A 34 -8.28 14.34 -0.94
N LYS A 35 -8.91 15.09 -1.84
CA LYS A 35 -8.83 14.97 -3.29
C LYS A 35 -7.66 15.80 -3.85
N PRO A 36 -7.09 15.34 -4.96
CA PRO A 36 -6.00 16.08 -5.59
C PRO A 36 -6.49 17.33 -6.29
N PRO A 37 -5.60 18.28 -6.59
CA PRO A 37 -5.96 19.41 -7.43
C PRO A 37 -6.40 18.95 -8.81
N PRO A 38 -7.05 19.81 -9.58
CA PRO A 38 -7.44 19.44 -10.95
C PRO A 38 -6.22 19.10 -11.80
N ASN A 39 -6.41 18.12 -12.68
CA ASN A 39 -5.36 17.63 -13.59
C ASN A 39 -4.17 17.02 -12.86
N LYS A 40 -4.32 16.71 -11.57
CA LYS A 40 -3.31 15.98 -10.82
C LYS A 40 -3.85 14.63 -10.40
N TYR A 41 -2.93 13.70 -10.16
CA TYR A 41 -3.24 12.36 -9.68
C TYR A 41 -2.59 12.12 -8.33
N PRO A 42 -3.22 11.34 -7.46
CA PRO A 42 -2.55 10.95 -6.22
C PRO A 42 -1.55 9.83 -6.53
N ILE A 43 -0.27 10.11 -6.32
CA ILE A 43 0.79 9.18 -6.63
C ILE A 43 1.31 8.60 -5.33
N PHE A 44 1.19 7.29 -5.16
CA PHE A 44 1.73 6.58 -4.00
C PHE A 44 3.09 6.02 -4.37
N PHE A 45 4.13 6.47 -3.70
CA PHE A 45 5.49 6.03 -3.96
C PHE A 45 5.78 4.76 -3.17
N PHE A 46 6.18 3.70 -3.87
CA PHE A 46 6.55 2.47 -3.18
C PHE A 46 7.82 2.68 -2.37
N GLY A 47 7.98 1.89 -1.31
CA GLY A 47 9.14 2.00 -0.45
C GLY A 47 9.01 3.07 0.60
N THR A 48 8.91 4.33 0.19
CA THR A 48 8.68 5.42 1.14
C THR A 48 7.24 5.47 1.60
N HIS A 49 6.30 5.02 0.76
CA HIS A 49 4.88 5.00 1.07
C HIS A 49 4.30 6.39 1.26
N GLU A 50 4.94 7.39 0.65
CA GLU A 50 4.45 8.75 0.65
C GLU A 50 3.57 9.00 -0.56
N THR A 51 2.69 10.00 -0.44
CA THR A 51 1.82 10.41 -1.54
C THR A 51 2.15 11.84 -1.95
N ALA A 52 2.31 12.08 -3.25
CA ALA A 52 2.34 13.41 -3.82
C ALA A 52 1.35 13.51 -4.97
N PHE A 53 0.96 14.73 -5.32
CA PHE A 53 0.02 14.98 -6.40
C PHE A 53 0.79 15.42 -7.64
N LEU A 54 0.74 14.62 -8.70
CA LEU A 54 1.54 14.87 -9.89
C LEU A 54 0.69 14.83 -11.14
N GLY A 55 1.15 15.53 -12.17
CA GLY A 55 0.51 15.47 -13.47
C GLY A 55 1.22 14.48 -14.39
N PRO A 56 0.59 14.15 -15.52
CA PRO A 56 1.18 13.14 -16.42
C PRO A 56 2.58 13.45 -16.92
N LYS A 57 3.02 14.71 -16.92
CA LYS A 57 4.36 15.01 -17.39
C LYS A 57 5.42 14.30 -16.57
N ASP A 58 5.10 13.92 -15.34
CA ASP A 58 6.08 13.27 -14.48
C ASP A 58 5.83 11.78 -14.31
N LEU A 59 4.96 11.19 -15.12
CA LEU A 59 4.53 9.79 -14.96
C LEU A 59 4.95 8.98 -16.17
N PHE A 60 5.77 7.95 -15.93
CA PHE A 60 6.29 7.07 -16.96
C PHE A 60 5.78 5.64 -16.75
N PRO A 61 5.35 4.96 -17.80
CA PRO A 61 4.83 3.59 -17.61
C PRO A 61 5.90 2.65 -17.05
N TYR A 62 5.52 1.89 -16.03
CA TYR A 62 6.49 1.01 -15.37
C TYR A 62 7.00 -0.06 -16.31
N ASP A 63 6.10 -0.72 -17.04
CA ASP A 63 6.52 -1.84 -17.88
C ASP A 63 7.46 -1.38 -18.99
N LYS A 64 7.11 -0.29 -19.69
CA LYS A 64 7.95 0.22 -20.77
C LYS A 64 9.31 0.69 -20.27
N CYS A 65 9.40 1.20 -19.04
CA CYS A 65 10.60 1.92 -18.62
C CYS A 65 11.38 1.23 -17.51
N LYS A 66 11.03 0.00 -17.13
CA LYS A 66 11.70 -0.62 -16.00
C LYS A 66 13.15 -0.98 -16.30
N ASP A 67 13.48 -1.25 -17.58
CA ASP A 67 14.86 -1.49 -17.92
C ASP A 67 15.73 -0.26 -17.67
N LYS A 68 15.17 0.93 -17.89
CA LYS A 68 15.94 2.15 -17.72
C LYS A 68 15.96 2.63 -16.28
N TYR A 69 14.83 2.57 -15.58
CA TYR A 69 14.68 3.20 -14.28
C TYR A 69 14.65 2.22 -13.11
N GLY A 70 14.53 0.92 -13.38
CA GLY A 70 14.29 -0.03 -12.32
C GLY A 70 15.52 -0.72 -11.75
N LYS A 71 16.66 -0.04 -11.72
CA LYS A 71 17.87 -0.58 -11.12
C LYS A 71 17.97 -0.16 -9.67
N PRO A 72 18.66 -0.93 -8.83
CA PRO A 72 18.86 -0.50 -7.44
C PRO A 72 19.49 0.88 -7.34
N ASN A 73 19.09 1.61 -6.32
CA ASN A 73 19.50 2.99 -6.10
C ASN A 73 19.78 3.14 -4.61
N LYS A 74 20.74 3.98 -4.28
CA LYS A 74 21.11 4.14 -2.87
C LYS A 74 20.09 4.93 -2.07
N ARG A 75 19.13 5.60 -2.73
CA ARG A 75 18.21 6.46 -2.01
C ARG A 75 17.30 5.66 -1.09
N LYS A 76 16.94 6.28 0.04
CA LYS A 76 16.22 5.59 1.10
C LYS A 76 14.85 5.14 0.63
N GLY A 77 14.57 3.85 0.79
CA GLY A 77 13.30 3.28 0.41
C GLY A 77 13.20 2.81 -1.02
N PHE A 78 14.19 3.13 -1.86
CA PHE A 78 14.07 2.85 -3.29
C PHE A 78 14.04 1.35 -3.57
N ASN A 79 14.94 0.60 -2.95
CA ASN A 79 15.03 -0.83 -3.26
C ASN A 79 13.86 -1.60 -2.66
N GLU A 80 13.37 -1.20 -1.49
CA GLU A 80 12.11 -1.72 -1.00
C GLU A 80 11.00 -1.42 -2.00
N GLY A 81 11.03 -0.21 -2.57
CA GLY A 81 10.01 0.15 -3.55
C GLY A 81 10.06 -0.69 -4.80
N LEU A 82 11.27 -1.03 -5.27
CA LEU A 82 11.38 -1.92 -6.42
C LEU A 82 10.75 -3.27 -6.12
N TRP A 83 10.93 -3.79 -4.89
CA TRP A 83 10.33 -5.07 -4.56
C TRP A 83 8.81 -4.98 -4.59
N GLU A 84 8.27 -3.90 -4.03
CA GLU A 84 6.82 -3.77 -3.92
C GLU A 84 6.18 -3.68 -5.28
N ILE A 85 6.75 -2.88 -6.19
CA ILE A 85 6.08 -2.68 -7.46
C ILE A 85 6.11 -3.96 -8.28
N GLN A 86 7.14 -4.80 -8.08
CA GLN A 86 7.25 -6.05 -8.83
C GLN A 86 6.40 -7.15 -8.20
N ASN A 87 6.32 -7.19 -6.87
CA ASN A 87 5.80 -8.37 -6.20
C ASN A 87 4.46 -8.22 -5.50
N ASN A 88 4.05 -7.01 -5.10
CA ASN A 88 2.69 -6.78 -4.58
C ASN A 88 2.32 -5.32 -4.79
N PRO A 89 2.20 -4.88 -6.04
CA PRO A 89 1.97 -3.45 -6.30
C PRO A 89 0.61 -2.94 -5.92
N HIS A 90 -0.38 -3.83 -5.70
CA HIS A 90 -1.75 -3.39 -5.42
C HIS A 90 -2.13 -3.62 -3.96
N ALA A 91 -1.17 -3.91 -3.10
CA ALA A 91 -1.45 -4.23 -1.71
C ALA A 91 -1.87 -2.98 -0.93
N SER A 92 -2.42 -3.22 0.25
CA SER A 92 -2.69 -2.17 1.22
C SER A 92 -1.41 -1.81 1.95
N TYR A 93 -1.01 -0.55 1.89
CA TYR A 93 0.15 -0.09 2.63
C TYR A 93 -0.27 0.93 3.69
N MET B 2 -40.52 2.21 19.75
CA MET B 2 -40.56 3.31 20.70
C MET B 2 -39.84 4.54 20.16
N PRO B 3 -40.50 5.70 20.20
CA PRO B 3 -39.87 6.93 19.70
C PRO B 3 -38.65 7.28 20.53
N HIS B 4 -37.63 7.81 19.85
CA HIS B 4 -36.40 8.23 20.49
C HIS B 4 -36.12 9.69 20.13
N ALA B 5 -35.04 10.23 20.70
CA ALA B 5 -34.68 11.62 20.43
C ALA B 5 -34.49 11.84 18.94
N PHE B 6 -33.78 10.92 18.28
CA PHE B 6 -33.64 10.92 16.83
C PHE B 6 -34.57 9.88 16.22
N LYS B 7 -35.23 10.24 15.14
CA LYS B 7 -36.10 9.28 14.48
C LYS B 7 -35.63 9.06 13.04
N PRO B 8 -35.94 7.91 12.45
CA PRO B 8 -35.58 7.66 11.05
C PRO B 8 -36.02 8.81 10.16
N GLY B 9 -35.11 9.26 9.30
CA GLY B 9 -35.35 10.39 8.43
C GLY B 9 -34.84 11.71 8.96
N ASP B 10 -34.51 11.79 10.25
CA ASP B 10 -33.88 12.99 10.78
C ASP B 10 -32.58 13.28 10.04
N LEU B 11 -32.38 14.54 9.69
CA LEU B 11 -31.19 14.96 8.96
C LEU B 11 -30.20 15.58 9.93
N VAL B 12 -28.93 15.21 9.79
CA VAL B 12 -27.88 15.54 10.76
C VAL B 12 -26.57 15.81 10.04
N PHE B 13 -25.64 16.41 10.79
CA PHE B 13 -24.22 16.23 10.54
C PHE B 13 -23.71 15.20 11.52
N ALA B 14 -22.99 14.20 11.02
CA ALA B 14 -22.46 13.12 11.83
C ALA B 14 -20.94 13.23 11.87
N LYS B 15 -20.37 13.15 13.06
CA LYS B 15 -18.94 13.35 13.27
C LYS B 15 -18.23 12.02 13.51
N MET B 16 -17.19 11.76 12.70
CA MET B 16 -16.33 10.62 12.92
C MET B 16 -14.89 11.11 12.97
N LYS B 17 -14.08 10.43 13.78
CA LYS B 17 -12.68 10.82 13.93
C LYS B 17 -11.99 10.79 12.56
N GLY B 18 -11.27 11.87 12.26
CA GLY B 18 -10.56 11.99 11.00
C GLY B 18 -11.37 12.58 9.87
N TYR B 19 -12.61 12.98 10.12
CA TYR B 19 -13.46 13.55 9.08
C TYR B 19 -14.20 14.76 9.63
N PRO B 20 -14.47 15.75 8.79
CA PRO B 20 -15.33 16.84 9.21
C PRO B 20 -16.75 16.34 9.44
N HIS B 21 -17.49 17.11 10.23
CA HIS B 21 -18.92 16.86 10.42
C HIS B 21 -19.58 16.66 9.05
N TRP B 22 -20.29 15.55 8.91
CA TRP B 22 -20.64 15.08 7.57
C TRP B 22 -22.15 15.02 7.38
N PRO B 23 -22.68 15.54 6.27
CA PRO B 23 -24.13 15.46 6.06
C PRO B 23 -24.60 14.01 6.05
N ALA B 24 -25.66 13.73 6.81
CA ALA B 24 -26.06 12.36 7.04
C ALA B 24 -27.53 12.33 7.44
N ARG B 25 -28.06 11.12 7.57
CA ARG B 25 -29.44 10.92 8.01
C ARG B 25 -29.49 9.73 8.97
N ILE B 26 -30.47 9.76 9.88
CA ILE B 26 -30.81 8.59 10.67
C ILE B 26 -31.57 7.62 9.76
N ASP B 27 -31.05 6.40 9.65
CA ASP B 27 -31.76 5.36 8.92
C ASP B 27 -32.69 4.62 9.85
N ASP B 28 -33.62 3.86 9.27
CA ASP B 28 -34.43 2.94 10.05
C ASP B 28 -33.71 1.61 10.13
N ILE B 29 -33.98 0.87 11.20
CA ILE B 29 -33.47 -0.49 11.33
C ILE B 29 -34.41 -1.40 10.53
N ALA B 30 -33.93 -1.88 9.40
CA ALA B 30 -34.77 -2.69 8.53
C ALA B 30 -35.21 -3.97 9.24
N ASP B 31 -36.47 -4.32 9.07
CA ASP B 31 -36.98 -5.57 9.63
C ASP B 31 -36.19 -6.74 9.05
N GLY B 32 -35.61 -7.56 9.92
CA GLY B 32 -34.71 -8.60 9.48
C GLY B 32 -33.31 -8.12 9.18
N ALA B 33 -32.75 -7.26 10.04
CA ALA B 33 -31.43 -6.72 9.84
C ALA B 33 -30.74 -6.56 11.20
N VAL B 34 -29.42 -6.43 11.16
CA VAL B 34 -28.62 -6.31 12.37
C VAL B 34 -28.97 -5.01 13.10
N LYS B 35 -29.09 -5.10 14.46
CA LYS B 35 -29.46 -3.94 15.27
C LYS B 35 -28.23 -3.20 15.78
N PRO B 36 -28.34 -1.89 15.97
CA PRO B 36 -27.19 -1.10 16.40
C PRO B 36 -26.82 -1.40 17.84
N PRO B 37 -25.58 -1.12 18.23
CA PRO B 37 -25.20 -1.24 19.64
C PRO B 37 -26.06 -0.35 20.51
N PRO B 38 -26.11 -0.60 21.81
CA PRO B 38 -26.93 0.25 22.69
C PRO B 38 -26.52 1.71 22.60
N ASN B 39 -27.51 2.59 22.74
CA ASN B 39 -27.38 4.04 22.70
C ASN B 39 -27.02 4.58 21.31
N LYS B 40 -26.94 3.74 20.29
CA LYS B 40 -26.46 4.16 18.99
C LYS B 40 -27.56 4.03 17.94
N TYR B 41 -27.36 4.74 16.83
CA TYR B 41 -28.29 4.84 15.71
C TYR B 41 -27.61 4.42 14.41
N PRO B 42 -28.36 3.85 13.47
CA PRO B 42 -27.80 3.60 12.12
C PRO B 42 -27.73 4.92 11.35
N ILE B 43 -26.52 5.30 10.93
CA ILE B 43 -26.28 6.53 10.20
C ILE B 43 -26.00 6.18 8.74
N PHE B 44 -26.55 6.99 7.83
CA PHE B 44 -26.25 6.92 6.40
C PHE B 44 -25.58 8.23 6.01
N PHE B 45 -24.36 8.15 5.51
CA PHE B 45 -23.61 9.34 5.11
C PHE B 45 -23.91 9.68 3.67
N PHE B 46 -24.39 10.90 3.43
CA PHE B 46 -24.64 11.34 2.07
C PHE B 46 -23.33 11.49 1.30
N GLY B 47 -23.40 11.35 -0.01
CA GLY B 47 -22.23 11.47 -0.87
C GLY B 47 -21.44 10.18 -0.98
N THR B 48 -20.87 9.72 0.13
CA THR B 48 -20.14 8.45 0.15
C THR B 48 -21.08 7.27 0.21
N HIS B 49 -22.28 7.47 0.77
CA HIS B 49 -23.27 6.41 0.98
C HIS B 49 -22.77 5.31 1.89
N GLU B 50 -21.75 5.60 2.70
CA GLU B 50 -21.34 4.68 3.75
C GLU B 50 -22.32 4.73 4.92
N THR B 51 -22.25 3.71 5.77
CA THR B 51 -23.07 3.64 6.97
C THR B 51 -22.18 3.35 8.18
N ALA B 52 -22.66 3.76 9.35
CA ALA B 52 -21.99 3.48 10.60
C ALA B 52 -23.02 3.59 11.71
N PHE B 53 -22.63 3.11 12.89
CA PHE B 53 -23.41 3.26 14.11
C PHE B 53 -22.77 4.36 14.97
N LEU B 54 -23.55 5.39 15.30
CA LEU B 54 -23.05 6.50 16.09
C LEU B 54 -24.05 6.87 17.17
N GLY B 55 -23.52 7.40 18.27
CA GLY B 55 -24.34 7.86 19.37
C GLY B 55 -24.58 9.35 19.29
N PRO B 56 -25.49 9.86 20.13
CA PRO B 56 -25.93 11.26 20.00
C PRO B 56 -24.83 12.28 20.16
N LYS B 57 -23.75 11.97 20.88
CA LYS B 57 -22.68 12.94 21.05
C LYS B 57 -22.03 13.34 19.73
N ASP B 58 -22.19 12.51 18.69
CA ASP B 58 -21.61 12.76 17.38
C ASP B 58 -22.66 13.16 16.34
N LEU B 59 -23.89 13.45 16.77
CA LEU B 59 -25.00 13.76 15.88
C LEU B 59 -25.48 15.18 16.16
N PHE B 60 -25.44 16.02 15.14
CA PHE B 60 -25.79 17.44 15.20
C PHE B 60 -26.95 17.72 14.25
N PRO B 61 -27.96 18.48 14.65
CA PRO B 61 -29.10 18.75 13.75
C PRO B 61 -28.66 19.53 12.51
N TYR B 62 -29.17 19.10 11.35
CA TYR B 62 -28.72 19.68 10.09
C TYR B 62 -29.14 21.14 9.96
N ASP B 63 -30.43 21.43 10.15
CA ASP B 63 -30.91 22.79 9.89
C ASP B 63 -30.32 23.77 10.89
N LYS B 64 -30.22 23.37 12.17
CA LYS B 64 -29.63 24.23 13.19
C LYS B 64 -28.17 24.56 12.87
N CYS B 65 -27.42 23.59 12.35
CA CYS B 65 -25.97 23.69 12.32
C CYS B 65 -25.38 23.70 10.91
N LYS B 66 -26.20 23.88 9.87
CA LYS B 66 -25.65 23.84 8.51
C LYS B 66 -24.82 25.07 8.20
N ASP B 67 -25.13 26.22 8.79
CA ASP B 67 -24.32 27.40 8.58
C ASP B 67 -22.88 27.17 9.04
N LYS B 68 -22.71 26.33 10.06
CA LYS B 68 -21.41 26.01 10.63
C LYS B 68 -20.70 24.89 9.88
N TYR B 69 -21.40 23.78 9.65
CA TYR B 69 -20.78 22.56 9.12
C TYR B 69 -21.01 22.35 7.63
N GLY B 70 -21.88 23.13 7.00
CA GLY B 70 -22.28 22.83 5.64
C GLY B 70 -21.51 23.58 4.56
N LYS B 71 -20.25 23.88 4.82
CA LYS B 71 -19.47 24.51 3.76
C LYS B 71 -18.67 23.47 3.00
N PRO B 72 -18.50 23.66 1.69
CA PRO B 72 -17.72 22.71 0.90
C PRO B 72 -16.29 22.60 1.38
N ASN B 73 -15.69 21.44 1.13
CA ASN B 73 -14.27 21.20 1.43
C ASN B 73 -13.73 20.27 0.35
N LYS B 74 -12.53 19.73 0.59
CA LYS B 74 -11.86 18.91 -0.41
C LYS B 74 -11.94 17.41 -0.13
N ARG B 75 -12.81 16.99 0.77
CA ARG B 75 -12.93 15.56 1.06
C ARG B 75 -13.83 14.90 0.02
N LYS B 76 -13.37 13.77 -0.51
CA LYS B 76 -14.14 13.02 -1.50
C LYS B 76 -15.52 12.65 -0.98
N GLY B 77 -16.55 13.04 -1.73
CA GLY B 77 -17.92 12.74 -1.39
C GLY B 77 -18.65 13.83 -0.63
N PHE B 78 -17.96 14.85 -0.14
CA PHE B 78 -18.59 15.81 0.75
C PHE B 78 -19.55 16.74 -0.01
N ASN B 79 -19.09 17.35 -1.09
CA ASN B 79 -19.95 18.27 -1.82
C ASN B 79 -21.13 17.53 -2.43
N GLU B 80 -20.90 16.30 -2.90
CA GLU B 80 -22.01 15.48 -3.35
C GLU B 80 -23.00 15.22 -2.20
N GLY B 81 -22.48 14.99 -1.00
CA GLY B 81 -23.33 14.78 0.15
C GLY B 81 -24.14 16.03 0.51
N LEU B 82 -23.53 17.20 0.37
CA LEU B 82 -24.28 18.43 0.57
C LEU B 82 -25.41 18.55 -0.43
N TRP B 83 -25.17 18.15 -1.69
CA TRP B 83 -26.25 18.17 -2.67
C TRP B 83 -27.39 17.25 -2.26
N GLU B 84 -27.05 16.02 -1.84
CA GLU B 84 -28.06 15.03 -1.54
C GLU B 84 -28.92 15.43 -0.35
N ILE B 85 -28.30 16.01 0.69
CA ILE B 85 -29.07 16.31 1.89
C ILE B 85 -30.02 17.47 1.63
N GLN B 86 -29.68 18.36 0.70
CA GLN B 86 -30.53 19.49 0.38
C GLN B 86 -31.60 19.14 -0.64
N ASN B 87 -31.29 18.27 -1.60
CA ASN B 87 -32.16 18.07 -2.75
C ASN B 87 -32.96 16.77 -2.71
N ASN B 88 -32.43 15.71 -2.11
CA ASN B 88 -33.21 14.48 -2.01
C ASN B 88 -32.73 13.66 -0.82
N PRO B 89 -32.94 14.16 0.40
CA PRO B 89 -32.35 13.48 1.57
C PRO B 89 -32.98 12.14 1.88
N HIS B 90 -34.18 11.83 1.40
CA HIS B 90 -34.86 10.61 1.80
C HIS B 90 -34.89 9.56 0.70
N ALA B 91 -34.16 9.79 -0.39
CA ALA B 91 -34.13 8.87 -1.51
C ALA B 91 -33.48 7.55 -1.13
N SER B 92 -33.78 6.53 -1.92
CA SER B 92 -33.04 5.27 -1.87
C SER B 92 -31.76 5.45 -2.66
N TYR B 93 -30.62 5.25 -2.00
CA TYR B 93 -29.32 5.34 -2.65
C TYR B 93 -28.71 3.97 -2.86
N SER B 94 -29.48 2.91 -2.62
CA SER B 94 -29.08 1.55 -2.97
C SER B 94 -29.16 1.38 -4.48
N HIS C 4 18.04 -32.56 -0.06
CA HIS C 4 18.40 -32.32 -1.45
C HIS C 4 19.64 -31.44 -1.52
N ALA C 5 20.80 -32.09 -1.67
CA ALA C 5 22.07 -31.37 -1.69
C ALA C 5 22.12 -30.39 -2.86
N PHE C 6 22.74 -29.23 -2.62
CA PHE C 6 22.79 -28.14 -3.57
C PHE C 6 24.07 -28.21 -4.41
N LYS C 7 24.10 -27.42 -5.47
CA LYS C 7 25.20 -27.36 -6.41
C LYS C 7 25.47 -25.90 -6.73
N PRO C 8 26.66 -25.56 -7.22
CA PRO C 8 27.00 -24.15 -7.41
C PRO C 8 26.04 -23.47 -8.39
N GLY C 9 25.57 -22.29 -8.00
CA GLY C 9 24.61 -21.53 -8.78
C GLY C 9 23.19 -21.60 -8.26
N ASP C 10 22.87 -22.60 -7.43
CA ASP C 10 21.52 -22.71 -6.88
C ASP C 10 21.19 -21.51 -6.00
N LEU C 11 19.95 -21.05 -6.08
CA LEU C 11 19.48 -19.88 -5.36
C LEU C 11 18.76 -20.31 -4.09
N VAL C 12 19.08 -19.65 -2.96
CA VAL C 12 18.57 -20.05 -1.66
C VAL C 12 18.29 -18.81 -0.81
N PHE C 13 17.56 -19.04 0.29
CA PHE C 13 17.65 -18.19 1.47
C PHE C 13 18.58 -18.88 2.47
N ALA C 14 19.54 -18.12 2.99
CA ALA C 14 20.57 -18.66 3.87
C ALA C 14 20.45 -17.98 5.22
N LYS C 15 20.40 -18.79 6.27
CA LYS C 15 20.17 -18.28 7.62
C LYS C 15 21.47 -18.36 8.41
N MET C 16 22.01 -17.20 8.79
CA MET C 16 23.12 -17.10 9.72
C MET C 16 22.64 -16.51 11.03
N LYS C 17 23.31 -16.91 12.12
CA LYS C 17 22.98 -16.37 13.43
C LYS C 17 23.19 -14.87 13.41
N GLY C 18 22.18 -14.14 13.90
CA GLY C 18 22.21 -12.69 13.94
C GLY C 18 21.60 -11.99 12.74
N TYR C 19 21.06 -12.74 11.78
CA TYR C 19 20.52 -12.17 10.55
C TYR C 19 19.25 -12.89 10.15
N PRO C 20 18.33 -12.20 9.46
CA PRO C 20 17.16 -12.86 8.90
C PRO C 20 17.55 -13.75 7.74
N HIS C 21 16.62 -14.62 7.36
CA HIS C 21 16.84 -15.47 6.19
C HIS C 21 17.15 -14.59 4.99
N TRP C 22 18.29 -14.85 4.34
CA TRP C 22 18.90 -13.90 3.43
C TRP C 22 18.98 -14.46 2.01
N PRO C 23 18.59 -13.70 1.00
CA PRO C 23 18.73 -14.18 -0.39
C PRO C 23 20.19 -14.41 -0.72
N ALA C 24 20.48 -15.60 -1.24
CA ALA C 24 21.86 -16.03 -1.42
C ALA C 24 21.94 -17.03 -2.55
N ARG C 25 23.16 -17.42 -2.87
CA ARG C 25 23.39 -18.47 -3.86
C ARG C 25 24.55 -19.35 -3.41
N ILE C 26 24.55 -20.58 -3.90
CA ILE C 26 25.64 -21.53 -3.68
C ILE C 26 26.81 -21.16 -4.59
N ASP C 27 28.00 -21.07 -4.02
CA ASP C 27 29.19 -20.85 -4.81
C ASP C 27 29.90 -22.17 -5.10
N ASP C 28 30.81 -22.13 -6.05
CA ASP C 28 31.71 -23.24 -6.31
C ASP C 28 33.03 -22.97 -5.62
N ILE C 29 33.60 -24.00 -5.02
CA ILE C 29 34.86 -23.87 -4.30
C ILE C 29 36.01 -24.07 -5.30
N ALA C 30 36.93 -23.11 -5.33
CA ALA C 30 38.06 -23.21 -6.24
C ALA C 30 38.96 -24.37 -5.85
N ASP C 31 39.47 -25.08 -6.85
CA ASP C 31 40.26 -26.28 -6.60
C ASP C 31 41.48 -25.98 -5.76
N GLY C 32 42.16 -24.87 -6.04
CA GLY C 32 43.32 -24.49 -5.24
C GLY C 32 42.98 -23.86 -3.91
N ALA C 33 41.80 -23.25 -3.80
CA ALA C 33 41.39 -22.59 -2.57
C ALA C 33 41.17 -23.61 -1.46
N VAL C 34 41.16 -23.11 -0.22
CA VAL C 34 40.98 -24.00 0.93
C VAL C 34 39.54 -24.49 0.96
N LYS C 35 39.37 -25.73 1.41
CA LYS C 35 38.07 -26.37 1.39
C LYS C 35 37.24 -25.93 2.60
N PRO C 36 35.91 -26.01 2.49
CA PRO C 36 35.06 -25.67 3.64
C PRO C 36 35.24 -26.68 4.76
N PRO C 37 34.75 -26.37 5.96
CA PRO C 37 34.62 -27.41 6.98
C PRO C 37 33.75 -28.54 6.47
N PRO C 38 33.86 -29.74 7.04
CA PRO C 38 33.03 -30.86 6.59
C PRO C 38 31.56 -30.49 6.52
N ASN C 39 30.94 -30.84 5.38
CA ASN C 39 29.51 -30.71 5.15
C ASN C 39 29.04 -29.25 5.15
N LYS C 40 29.88 -28.32 4.72
CA LYS C 40 29.49 -26.93 4.58
C LYS C 40 29.58 -26.51 3.12
N TYR C 41 28.64 -25.62 2.70
CA TYR C 41 28.60 -25.01 1.39
C TYR C 41 29.21 -23.62 1.41
N PRO C 42 29.88 -23.20 0.34
CA PRO C 42 30.28 -21.80 0.20
C PRO C 42 29.06 -20.99 -0.24
N ILE C 43 28.72 -19.96 0.53
CA ILE C 43 27.53 -19.16 0.27
C ILE C 43 27.96 -17.75 -0.10
N PHE C 44 27.29 -17.18 -1.09
CA PHE C 44 27.46 -15.77 -1.46
C PHE C 44 26.12 -15.09 -1.20
N PHE C 45 26.15 -14.06 -0.36
CA PHE C 45 24.92 -13.37 0.04
C PHE C 45 24.67 -12.22 -0.93
N PHE C 46 23.49 -12.22 -1.56
CA PHE C 46 23.10 -11.10 -2.41
C PHE C 46 22.97 -9.82 -1.58
N GLY C 47 23.16 -8.69 -2.25
CA GLY C 47 23.06 -7.41 -1.57
C GLY C 47 24.34 -6.98 -0.87
N THR C 48 24.73 -7.72 0.18
CA THR C 48 26.00 -7.42 0.85
C THR C 48 27.19 -7.94 0.06
N HIS C 49 26.98 -8.97 -0.76
CA HIS C 49 28.05 -9.59 -1.55
C HIS C 49 29.16 -10.16 -0.67
N GLU C 50 28.81 -10.57 0.54
CA GLU C 50 29.75 -11.24 1.43
C GLU C 50 29.62 -12.76 1.29
N THR C 51 30.60 -13.47 1.83
CA THR C 51 30.63 -14.92 1.72
C THR C 51 30.74 -15.55 3.11
N ALA C 52 30.36 -16.82 3.19
CA ALA C 52 30.42 -17.60 4.42
C ALA C 52 30.23 -19.07 4.06
N PHE C 53 30.42 -19.93 5.06
CA PHE C 53 30.18 -21.36 4.92
C PHE C 53 28.98 -21.75 5.79
N LEU C 54 28.03 -22.48 5.21
CA LEU C 54 26.82 -22.87 5.91
C LEU C 54 26.46 -24.31 5.60
N GLY C 55 25.82 -24.96 6.56
CA GLY C 55 25.36 -26.32 6.39
C GLY C 55 23.94 -26.37 5.87
N PRO C 56 23.51 -27.56 5.45
CA PRO C 56 22.15 -27.69 4.87
C PRO C 56 21.03 -27.33 5.83
N LYS C 57 21.26 -27.42 7.15
CA LYS C 57 20.22 -27.03 8.09
C LYS C 57 19.84 -25.56 7.95
N ASP C 58 20.74 -24.74 7.39
CA ASP C 58 20.52 -23.31 7.31
C ASP C 58 20.21 -22.82 5.90
N LEU C 59 19.87 -23.73 4.97
CA LEU C 59 19.65 -23.38 3.57
C LEU C 59 18.25 -23.77 3.14
N PHE C 60 17.62 -22.93 2.32
CA PHE C 60 16.23 -23.09 1.88
C PHE C 60 16.13 -22.71 0.40
N PRO C 61 15.61 -23.59 -0.46
CA PRO C 61 15.54 -23.27 -1.89
C PRO C 61 14.74 -22.00 -2.15
N TYR C 62 15.27 -21.16 -3.05
CA TYR C 62 14.70 -19.82 -3.23
C TYR C 62 13.28 -19.89 -3.77
N ASP C 63 13.05 -20.65 -4.85
CA ASP C 63 11.74 -20.63 -5.48
C ASP C 63 10.70 -21.31 -4.60
N LYS C 64 11.07 -22.38 -3.90
CA LYS C 64 10.11 -23.06 -3.05
C LYS C 64 9.69 -22.20 -1.86
N CYS C 65 10.63 -21.43 -1.30
CA CYS C 65 10.42 -20.74 -0.04
C CYS C 65 10.33 -19.23 -0.16
N LYS C 66 10.36 -18.69 -1.39
CA LYS C 66 10.31 -17.24 -1.56
C LYS C 66 9.06 -16.63 -0.93
N ASP C 67 7.94 -17.36 -0.92
CA ASP C 67 6.73 -16.82 -0.32
C ASP C 67 6.88 -16.61 1.18
N LYS C 68 7.76 -17.38 1.83
CA LYS C 68 7.98 -17.23 3.26
C LYS C 68 9.00 -16.16 3.60
N TYR C 69 10.13 -16.13 2.89
CA TYR C 69 11.26 -15.28 3.25
C TYR C 69 11.52 -14.14 2.29
N GLY C 70 10.92 -14.16 1.10
CA GLY C 70 11.10 -13.05 0.17
C GLY C 70 10.18 -11.89 0.49
N LYS C 71 10.57 -11.10 1.48
CA LYS C 71 9.81 -9.95 1.99
C LYS C 71 10.86 -8.91 2.40
N PRO C 72 10.60 -7.63 2.16
CA PRO C 72 11.60 -6.61 2.50
C PRO C 72 11.84 -6.55 4.01
N ASN C 73 13.01 -6.02 4.35
CA ASN C 73 13.30 -5.60 5.71
C ASN C 73 14.43 -4.60 5.65
N LYS C 74 14.67 -3.93 6.77
CA LYS C 74 15.54 -2.76 6.78
C LYS C 74 17.01 -3.12 6.96
N ARG C 75 17.35 -4.39 7.16
CA ARG C 75 18.74 -4.74 7.37
C ARG C 75 19.57 -4.33 6.15
N LYS C 76 20.77 -3.81 6.42
CA LYS C 76 21.60 -3.23 5.38
C LYS C 76 21.87 -4.23 4.27
N GLY C 77 21.59 -3.81 3.03
CA GLY C 77 21.84 -4.64 1.86
C GLY C 77 20.77 -5.64 1.53
N PHE C 78 19.76 -5.81 2.39
CA PHE C 78 18.80 -6.88 2.20
C PHE C 78 17.94 -6.65 0.95
N ASN C 79 17.45 -5.43 0.78
CA ASN C 79 16.49 -5.20 -0.29
C ASN C 79 17.17 -5.18 -1.65
N GLU C 80 18.38 -4.63 -1.72
CA GLU C 80 19.16 -4.79 -2.93
C GLU C 80 19.41 -6.27 -3.22
N GLY C 81 19.61 -7.06 -2.17
CA GLY C 81 19.78 -8.49 -2.35
C GLY C 81 18.53 -9.16 -2.89
N LEU C 82 17.34 -8.71 -2.44
CA LEU C 82 16.09 -9.22 -3.00
C LEU C 82 15.98 -8.86 -4.48
N TRP C 83 16.46 -7.69 -4.87
CA TRP C 83 16.40 -7.34 -6.30
C TRP C 83 17.35 -8.21 -7.10
N GLU C 84 18.54 -8.46 -6.58
CA GLU C 84 19.54 -9.25 -7.32
C GLU C 84 19.08 -10.68 -7.52
N ILE C 85 18.52 -11.31 -6.48
CA ILE C 85 18.15 -12.72 -6.60
C ILE C 85 16.98 -12.89 -7.56
N GLN C 86 16.12 -11.88 -7.69
CA GLN C 86 14.97 -11.99 -8.59
C GLN C 86 15.29 -11.54 -10.01
N ASN C 87 16.22 -10.60 -10.18
CA ASN C 87 16.45 -9.99 -11.48
C ASN C 87 17.84 -10.20 -12.05
N ASN C 88 18.84 -10.52 -11.24
CA ASN C 88 20.19 -10.74 -11.78
C ASN C 88 20.98 -11.73 -10.91
N PRO C 89 20.50 -12.97 -10.78
CA PRO C 89 21.06 -13.86 -9.75
C PRO C 89 22.43 -14.44 -10.07
N HIS C 90 22.93 -14.33 -11.30
CA HIS C 90 24.18 -14.98 -11.66
C HIS C 90 25.22 -14.00 -12.20
N ALA C 91 25.09 -12.72 -11.88
CA ALA C 91 26.13 -11.77 -12.21
C ALA C 91 27.38 -12.02 -11.37
N SER C 92 28.48 -11.36 -11.74
CA SER C 92 29.75 -11.60 -11.05
C SER C 92 29.78 -10.94 -9.68
N TYR C 93 29.36 -9.68 -9.59
CA TYR C 93 29.38 -8.91 -8.35
C TYR C 93 30.78 -8.90 -7.73
C4 HHN D . 9.16 11.49 -3.17
N1 HHN D . 8.99 9.10 -1.88
N2 HHN D . 8.62 11.45 -1.95
C3 HHN D . 8.57 10.25 -1.37
BR1 HHN D . 10.36 10.41 -5.54
C1 HHN D . 9.62 10.35 -3.79
C2 HHN D . 9.52 9.15 -3.10
S SO4 E . 15.92 0.55 0.74
O1 SO4 E . 16.12 1.62 1.78
O2 SO4 E . 14.45 0.31 0.56
O3 SO4 E . 16.51 0.99 -0.56
O4 SO4 E . 16.58 -0.72 1.18
S SO4 F . 18.47 9.61 1.36
O1 SO4 F . 17.76 9.94 2.65
O2 SO4 F . 17.46 9.29 0.30
O3 SO4 F . 19.27 10.80 0.92
O4 SO4 F . 19.37 8.44 1.57
S SO4 G . 17.11 16.20 -10.67
O1 SO4 G . 15.96 16.91 -10.02
O2 SO4 G . 18.32 17.10 -10.66
O3 SO4 G . 17.41 14.94 -9.92
O4 SO4 G . 16.75 15.87 -12.08
S DMS H . -18.12 9.63 5.53
O DMS H . -18.17 8.29 4.83
C1 DMS H . -17.78 9.28 7.27
C2 DMS H . -16.50 10.32 5.15
S SO4 I . -10.45 15.15 13.89
O1 SO4 I . -10.93 13.78 14.25
O2 SO4 I . -11.59 15.98 13.41
O3 SO4 I . -9.84 15.78 15.10
O4 SO4 I . -9.42 15.03 12.82
S DMS J . 24.62 -11.28 4.90
O DMS J . 25.98 -10.81 4.41
C1 DMS J . 24.92 -12.56 6.12
C2 DMS J . 24.06 -10.03 6.07
#